data_8PH2
#
_entry.id   8PH2
#
_cell.length_a   39.520
_cell.length_b   67.920
_cell.length_c   40.300
_cell.angle_alpha   90.000
_cell.angle_beta   93.620
_cell.angle_gamma   90.000
#
_symmetry.space_group_name_H-M   'P 1 21 1'
#
loop_
_entity.id
_entity.type
_entity.pdbx_description
1 polymer 'Beta-lactamase VIM-1'
2 non-polymer 'ZINC ION'
3 non-polymer '7-[(1~{S})-1-[2-(aminomethyl)-6-oxidanylidene-5-oxa-7-azaspiro[3.4]octan-7-yl]ethyl]-3-[1-(2-azanylethyl)pyrazol-4-yl]-1~{H}-indole-2-carboxylic acid'
4 water water
#
_entity_poly.entity_id   1
_entity_poly.type   'polypeptide(L)'
_entity_poly.pdbx_seq_one_letter_code
;MLKVISSLLVYMTASVMAVASPLAHSGEPSGEYPTVNEIPVGEVRLYQIADGVWSHIATQSFDGAVYPSNGLIVRDGDEL
LLIDTAWGAKNTAALLAEIEKQIGLPVTRAVSTHFHDDRVGGVDVLRAAGVATYASPSTRRLAEAEGNEIPTHSLEGLSS
SGDAVRFGPVELFYPGAAHSTDNLVVYVPSANVLYGGCAVHELSSTSAGNVADADLAEWPTSVERIQKHYPEAEVVIPGH
GLPGGLDLLQHTANVVKAHKNRSVAE
;
_entity_poly.pdbx_strand_id   A
#
loop_
_chem_comp.id
_chem_comp.type
_chem_comp.name
_chem_comp.formula
YUU non-polymer '7-[(1~{S})-1-[2-(aminomethyl)-6-oxidanylidene-5-oxa-7-azaspiro[3.4]octan-7-yl]ethyl]-3-[1-(2-azanylethyl)pyrazol-4-yl]-1~{H}-indole-2-carboxylic acid' 'C23 H28 N6 O4'
ZN non-polymer 'ZINC ION' 'Zn 2'
#
# COMPACT_ATOMS: atom_id res chain seq x y z
N SER A 30 -7.14 10.72 -18.30
CA SER A 30 -6.44 10.93 -19.57
C SER A 30 -4.93 10.99 -19.39
N GLY A 31 -4.41 10.15 -18.50
CA GLY A 31 -2.97 10.05 -18.30
C GLY A 31 -2.40 10.63 -17.01
N GLU A 32 -3.07 11.60 -16.39
CA GLU A 32 -2.59 12.10 -15.09
C GLU A 32 -2.87 11.09 -13.99
N TYR A 33 -2.19 11.22 -12.83
CA TYR A 33 -2.44 10.26 -11.75
C TYR A 33 -3.87 10.49 -11.26
N PRO A 34 -4.71 9.46 -11.15
CA PRO A 34 -6.11 9.71 -10.83
C PRO A 34 -6.29 10.09 -9.38
N THR A 35 -7.15 11.10 -9.14
N THR A 35 -7.47 10.62 -9.23
CA THR A 35 -7.32 11.76 -7.82
CA THR A 35 -7.94 11.12 -8.00
C THR A 35 -8.70 11.50 -7.18
C THR A 35 -9.39 10.71 -7.86
N VAL A 36 -8.90 11.90 -5.88
N VAL A 36 -9.90 11.00 -6.67
CA VAL A 36 -10.07 11.41 -5.11
CA VAL A 36 -11.30 10.74 -6.44
C VAL A 36 -11.38 11.77 -5.80
C VAL A 36 -12.18 11.39 -7.47
N ASN A 37 -11.54 13.03 -6.20
N ASN A 37 -11.74 12.50 -8.06
CA ASN A 37 -12.80 13.41 -6.82
CA ASN A 37 -12.58 13.21 -9.02
C ASN A 37 -12.93 12.88 -8.23
C ASN A 37 -12.62 12.53 -10.38
N GLU A 38 -11.91 12.24 -8.78
N GLU A 38 -11.75 11.54 -10.65
CA GLU A 38 -11.99 11.66 -10.12
CA GLU A 38 -11.72 10.89 -11.96
C GLU A 38 -12.39 10.18 -10.11
C GLU A 38 -11.90 9.38 -11.92
N ILE A 39 -12.52 9.54 -8.95
N ILE A 39 -12.34 8.85 -10.79
CA ILE A 39 -12.83 8.11 -8.85
CA ILE A 39 -12.67 7.44 -10.68
C ILE A 39 -14.06 7.92 -7.97
C ILE A 39 -14.18 7.37 -10.53
N PRO A 40 -15.22 7.58 -8.51
N PRO A 40 -14.91 6.80 -11.48
CA PRO A 40 -16.37 7.31 -7.66
CA PRO A 40 -16.36 6.73 -11.31
C PRO A 40 -16.07 6.11 -6.78
C PRO A 40 -16.74 5.94 -10.07
N VAL A 41 -16.64 6.09 -5.58
N VAL A 41 -17.94 6.19 -9.58
CA VAL A 41 -16.46 4.96 -4.71
CA VAL A 41 -18.38 5.61 -8.32
C VAL A 41 -17.06 3.73 -5.40
C VAL A 41 -18.29 4.09 -8.36
N GLY A 42 -16.27 2.65 -5.48
N GLY A 42 -17.67 3.52 -7.33
CA GLY A 42 -16.64 1.44 -6.18
CA GLY A 42 -17.48 2.10 -7.17
C GLY A 42 -15.89 1.20 -7.48
C GLY A 42 -16.44 1.47 -8.06
N GLU A 43 -15.24 2.23 -8.01
N GLU A 43 -15.58 2.27 -8.67
CA GLU A 43 -14.53 2.09 -9.29
CA GLU A 43 -14.62 1.80 -9.66
C GLU A 43 -13.03 2.03 -9.03
C GLU A 43 -13.19 1.87 -9.11
N VAL A 44 -12.29 1.33 -9.92
CA VAL A 44 -10.86 1.28 -9.69
C VAL A 44 -10.15 1.70 -10.96
N ARG A 45 -9.02 2.38 -10.78
N ARG A 45 -9.06 2.45 -10.83
CA ARG A 45 -8.15 2.73 -11.86
CA ARG A 45 -8.26 2.76 -12.01
C ARG A 45 -6.77 2.15 -11.65
C ARG A 45 -6.82 2.30 -11.73
N LEU A 46 -6.12 1.90 -12.77
CA LEU A 46 -4.72 1.47 -12.75
C LEU A 46 -3.88 2.58 -13.36
N TYR A 47 -2.64 2.64 -12.96
CA TYR A 47 -1.70 3.62 -13.47
C TYR A 47 -0.37 2.94 -13.69
N GLN A 48 0.14 3.00 -14.92
CA GLN A 48 1.42 2.36 -15.21
C GLN A 48 2.54 3.18 -14.60
N ILE A 49 3.32 2.54 -13.74
CA ILE A 49 4.46 3.17 -13.06
C ILE A 49 5.75 2.94 -13.81
N ALA A 50 5.97 1.71 -14.25
CA ALA A 50 7.18 1.28 -14.94
C ALA A 50 6.83 0.00 -15.69
N ASP A 51 7.77 -0.54 -16.48
CA ASP A 51 7.51 -1.82 -17.12
CA ASP A 51 7.49 -1.81 -17.12
C ASP A 51 7.16 -2.88 -16.08
N GLY A 52 6.01 -3.51 -16.24
CA GLY A 52 5.60 -4.53 -15.31
C GLY A 52 5.21 -4.05 -13.91
N VAL A 53 4.96 -2.74 -13.73
CA VAL A 53 4.58 -2.22 -12.43
C VAL A 53 3.45 -1.22 -12.61
N TRP A 54 2.34 -1.44 -11.90
CA TRP A 54 1.21 -0.53 -11.92
C TRP A 54 0.87 -0.19 -10.48
N SER A 55 0.31 0.99 -10.25
CA SER A 55 -0.45 1.21 -9.04
C SER A 55 -1.93 1.01 -9.35
N HIS A 56 -2.70 0.69 -8.30
CA HIS A 56 -4.14 0.70 -8.35
C HIS A 56 -4.68 1.76 -7.40
N ILE A 57 -5.73 2.43 -7.80
CA ILE A 57 -6.31 3.56 -7.07
C ILE A 57 -7.79 3.35 -6.94
N ALA A 58 -8.29 3.46 -5.73
CA ALA A 58 -9.72 3.34 -5.45
C ALA A 58 -10.10 4.38 -4.41
N THR A 59 -11.39 4.55 -4.19
CA THR A 59 -11.82 5.49 -3.18
CA THR A 59 -11.90 5.52 -3.26
C THR A 59 -12.82 4.84 -2.25
N GLN A 60 -12.85 5.33 -1.04
CA GLN A 60 -13.73 4.75 -0.03
C GLN A 60 -14.14 5.84 0.95
N SER A 61 -15.30 5.62 1.54
N SER A 61 -15.30 5.66 1.54
CA SER A 61 -15.86 6.46 2.59
CA SER A 61 -15.73 6.57 2.58
C SER A 61 -15.41 5.89 3.94
C SER A 61 -15.50 5.94 3.93
N PHE A 62 -15.06 6.78 4.87
CA PHE A 62 -14.70 6.37 6.22
C PHE A 62 -15.04 7.52 7.15
N ASP A 63 -15.88 7.27 8.14
CA ASP A 63 -16.28 8.32 9.06
C ASP A 63 -16.79 9.58 8.35
N GLY A 64 -17.49 9.38 7.25
CA GLY A 64 -18.17 10.48 6.60
C GLY A 64 -17.30 11.34 5.71
N ALA A 65 -16.11 10.87 5.35
CA ALA A 65 -15.30 11.57 4.37
C ALA A 65 -14.80 10.53 3.37
N VAL A 66 -14.47 11.01 2.17
CA VAL A 66 -14.02 10.14 1.09
C VAL A 66 -12.53 10.33 0.88
N TYR A 67 -11.84 9.22 0.72
CA TYR A 67 -10.40 9.23 0.57
C TYR A 67 -9.98 8.32 -0.58
N PRO A 68 -8.91 8.67 -1.30
CA PRO A 68 -8.29 7.73 -2.22
C PRO A 68 -7.33 6.83 -1.48
N SER A 69 -6.92 5.77 -2.16
N SER A 69 -7.01 5.70 -2.08
CA SER A 69 -5.95 4.85 -1.61
CA SER A 69 -5.90 4.91 -1.58
C SER A 69 -5.26 4.09 -2.72
C SER A 69 -5.25 4.16 -2.72
N ASN A 70 -3.98 3.86 -2.57
CA ASN A 70 -3.16 3.14 -3.56
C ASN A 70 -2.88 1.69 -3.14
N GLY A 71 -2.61 0.88 -4.13
CA GLY A 71 -1.91 -0.38 -3.99
C GLY A 71 -1.00 -0.58 -5.18
N LEU A 72 -0.41 -1.77 -5.32
CA LEU A 72 0.57 -2.05 -6.34
C LEU A 72 0.23 -3.36 -7.04
N ILE A 73 0.63 -3.46 -8.31
CA ILE A 73 0.54 -4.69 -9.09
C ILE A 73 1.90 -4.86 -9.74
N VAL A 74 2.49 -6.06 -9.62
CA VAL A 74 3.80 -6.30 -10.18
C VAL A 74 3.75 -7.56 -11.01
N ARG A 75 4.15 -7.45 -12.28
N ARG A 75 4.17 -7.45 -12.27
CA ARG A 75 4.20 -8.61 -13.15
CA ARG A 75 4.18 -8.63 -13.15
C ARG A 75 5.21 -9.63 -12.62
C ARG A 75 5.22 -9.63 -12.67
N ASP A 76 4.80 -10.90 -12.62
CA ASP A 76 5.52 -12.04 -12.00
C ASP A 76 5.48 -13.14 -13.08
N GLY A 77 6.24 -12.93 -14.15
CA GLY A 77 6.20 -13.83 -15.31
C GLY A 77 4.88 -13.70 -16.09
N ASP A 78 4.10 -14.77 -16.14
CA ASP A 78 2.76 -14.70 -16.71
C ASP A 78 1.69 -14.65 -15.64
N GLU A 79 2.07 -14.29 -14.42
CA GLU A 79 1.14 -14.06 -13.33
C GLU A 79 1.36 -12.64 -12.80
N LEU A 80 0.52 -12.24 -11.84
CA LEU A 80 0.63 -10.93 -11.18
C LEU A 80 0.68 -11.14 -9.66
N LEU A 81 1.51 -10.32 -9.04
CA LEU A 81 1.54 -10.16 -7.58
C LEU A 81 0.82 -8.86 -7.25
N LEU A 82 -0.14 -8.94 -6.33
CA LEU A 82 -0.89 -7.79 -5.86
C LEU A 82 -0.35 -7.35 -4.51
N ILE A 83 -0.18 -6.05 -4.32
CA ILE A 83 0.13 -5.47 -3.02
C ILE A 83 -1.07 -4.63 -2.61
N ASP A 84 -1.72 -5.06 -1.52
CA ASP A 84 -2.84 -4.38 -0.87
C ASP A 84 -4.14 -4.50 -1.65
N THR A 85 -5.24 -4.60 -0.90
CA THR A 85 -6.57 -4.54 -1.47
C THR A 85 -6.89 -3.13 -1.92
N ALA A 86 -8.08 -2.99 -2.51
CA ALA A 86 -8.60 -1.69 -2.92
C ALA A 86 -9.55 -1.08 -1.89
N TRP A 87 -9.43 -1.48 -0.62
CA TRP A 87 -10.21 -0.85 0.46
C TRP A 87 -11.67 -1.18 0.36
N GLY A 88 -11.99 -2.45 0.55
CA GLY A 88 -13.35 -2.92 0.61
C GLY A 88 -13.59 -4.06 -0.35
N ALA A 89 -14.60 -4.88 -0.03
CA ALA A 89 -14.95 -6.03 -0.85
C ALA A 89 -15.35 -5.63 -2.27
N LYS A 90 -16.31 -4.71 -2.38
N LYS A 90 -16.29 -4.71 -2.40
CA LYS A 90 -16.78 -4.31 -3.71
CA LYS A 90 -16.74 -4.36 -3.75
C LYS A 90 -15.67 -3.65 -4.51
C LYS A 90 -15.63 -3.66 -4.53
N ASN A 91 -14.88 -2.78 -3.87
CA ASN A 91 -13.77 -2.16 -4.58
C ASN A 91 -12.76 -3.22 -5.05
N THR A 92 -12.53 -4.24 -4.24
CA THR A 92 -11.54 -5.26 -4.58
C THR A 92 -12.03 -6.16 -5.71
N ALA A 93 -13.33 -6.47 -5.74
CA ALA A 93 -13.91 -7.14 -6.90
C ALA A 93 -13.73 -6.30 -8.16
N ALA A 94 -13.97 -5.00 -8.04
CA ALA A 94 -13.77 -4.10 -9.18
C ALA A 94 -12.31 -4.04 -9.61
N LEU A 95 -11.37 -4.11 -8.64
CA LEU A 95 -9.96 -4.16 -8.95
C LEU A 95 -9.64 -5.37 -9.80
N LEU A 96 -10.12 -6.54 -9.40
CA LEU A 96 -9.88 -7.74 -10.19
C LEU A 96 -10.40 -7.60 -11.61
N ALA A 97 -11.60 -7.04 -11.75
CA ALA A 97 -12.17 -6.84 -13.08
C ALA A 97 -11.32 -5.87 -13.89
N GLU A 98 -10.84 -4.79 -13.29
CA GLU A 98 -10.02 -3.82 -14.00
C GLU A 98 -8.70 -4.42 -14.42
N ILE A 99 -8.10 -5.26 -13.57
CA ILE A 99 -6.86 -5.95 -13.95
C ILE A 99 -7.10 -6.86 -15.15
N GLU A 100 -8.22 -7.59 -15.13
CA GLU A 100 -8.50 -8.48 -16.27
C GLU A 100 -8.67 -7.69 -17.56
N LYS A 101 -9.34 -6.53 -17.48
CA LYS A 101 -9.56 -5.69 -18.63
C LYS A 101 -8.26 -5.10 -19.16
N GLN A 102 -7.41 -4.58 -18.29
CA GLN A 102 -6.25 -3.78 -18.69
C GLN A 102 -4.98 -4.60 -18.87
N ILE A 103 -4.85 -5.71 -18.15
CA ILE A 103 -3.62 -6.49 -18.12
C ILE A 103 -3.84 -7.91 -18.61
N GLY A 104 -4.87 -8.57 -18.10
CA GLY A 104 -5.24 -9.86 -18.63
C GLY A 104 -4.40 -11.03 -18.18
N LEU A 105 -3.65 -10.88 -17.09
CA LEU A 105 -2.91 -11.93 -16.44
C LEU A 105 -3.50 -12.20 -15.07
N PRO A 106 -3.41 -13.43 -14.59
CA PRO A 106 -4.09 -13.77 -13.34
C PRO A 106 -3.32 -13.29 -12.13
N VAL A 107 -4.06 -12.74 -11.17
CA VAL A 107 -3.49 -12.42 -9.87
C VAL A 107 -3.41 -13.71 -9.07
N THR A 108 -2.19 -14.11 -8.70
CA THR A 108 -2.05 -15.38 -7.99
C THR A 108 -1.74 -15.23 -6.52
N ARG A 109 -1.12 -14.13 -6.11
CA ARG A 109 -0.72 -13.90 -4.72
C ARG A 109 -0.96 -12.44 -4.41
N ALA A 110 -1.25 -12.18 -3.13
CA ALA A 110 -1.36 -10.81 -2.66
C ALA A 110 -0.67 -10.70 -1.33
N VAL A 111 -0.07 -9.53 -1.06
CA VAL A 111 0.53 -9.19 0.23
C VAL A 111 -0.17 -7.94 0.74
N SER A 112 -0.58 -7.97 2.00
CA SER A 112 -1.10 -6.79 2.66
C SER A 112 -0.03 -6.18 3.56
N THR A 113 0.16 -4.86 3.44
CA THR A 113 1.30 -4.21 4.08
C THR A 113 1.01 -3.69 5.48
N HIS A 114 -0.23 -3.65 5.93
CA HIS A 114 -0.56 -3.52 7.35
C HIS A 114 -2.00 -3.97 7.52
N PHE A 115 -2.50 -3.89 8.75
CA PHE A 115 -3.74 -4.56 9.13
C PHE A 115 -5.02 -3.76 8.87
N HIS A 116 -4.92 -2.50 8.46
CA HIS A 116 -6.10 -1.67 8.28
C HIS A 116 -6.92 -2.07 7.05
N ASP A 117 -8.16 -1.59 7.03
CA ASP A 117 -9.11 -1.97 5.99
C ASP A 117 -8.70 -1.55 4.61
N ASP A 118 -7.92 -0.48 4.47
CA ASP A 118 -7.45 -0.07 3.15
C ASP A 118 -6.35 -1.01 2.63
N ARG A 119 -5.92 -2.01 3.41
CA ARG A 119 -4.90 -2.96 3.05
C ARG A 119 -5.41 -4.38 3.03
N VAL A 120 -6.33 -4.73 3.93
CA VAL A 120 -6.85 -6.09 4.03
C VAL A 120 -8.34 -6.18 3.68
N GLY A 121 -9.06 -5.06 3.59
CA GLY A 121 -10.49 -5.17 3.30
C GLY A 121 -10.68 -5.53 1.86
N GLY A 122 -11.19 -6.74 1.59
CA GLY A 122 -11.13 -7.31 0.27
C GLY A 122 -10.34 -8.59 0.21
N VAL A 123 -9.65 -8.96 1.28
CA VAL A 123 -8.95 -10.23 1.31
C VAL A 123 -9.89 -11.42 1.13
N ASP A 124 -11.10 -11.35 1.69
CA ASP A 124 -12.04 -12.46 1.50
C ASP A 124 -12.41 -12.61 0.03
N VAL A 125 -12.65 -11.48 -0.66
CA VAL A 125 -12.91 -11.50 -2.10
C VAL A 125 -11.73 -12.13 -2.84
N LEU A 126 -10.51 -11.72 -2.50
CA LEU A 126 -9.32 -12.27 -3.15
C LEU A 126 -9.25 -13.78 -2.96
N ARG A 127 -9.47 -14.22 -1.71
N ARG A 127 -9.40 -14.23 -1.72
CA ARG A 127 -9.36 -15.62 -1.35
CA ARG A 127 -9.26 -15.66 -1.46
C ARG A 127 -10.38 -16.49 -2.07
C ARG A 127 -10.29 -16.46 -2.28
N ALA A 128 -11.53 -15.95 -2.42
CA ALA A 128 -12.57 -16.64 -3.19
C ALA A 128 -12.36 -16.53 -4.71
N ALA A 129 -11.42 -15.71 -5.16
CA ALA A 129 -11.05 -15.59 -6.55
C ALA A 129 -9.71 -16.26 -6.88
N GLY A 130 -9.26 -17.19 -6.04
CA GLY A 130 -8.08 -17.97 -6.33
C GLY A 130 -6.78 -17.33 -5.92
N VAL A 131 -6.81 -16.22 -5.23
CA VAL A 131 -5.60 -15.53 -4.87
C VAL A 131 -5.16 -16.02 -3.48
N ALA A 132 -3.89 -16.37 -3.37
CA ALA A 132 -3.29 -16.69 -2.08
C ALA A 132 -2.88 -15.39 -1.38
N THR A 133 -3.38 -15.18 -0.18
CA THR A 133 -3.21 -13.93 0.56
C THR A 133 -2.18 -14.11 1.68
N TYR A 134 -1.31 -13.12 1.83
CA TYR A 134 -0.18 -13.15 2.74
C TYR A 134 -0.08 -11.84 3.52
N ALA A 135 0.46 -11.96 4.75
CA ALA A 135 0.82 -10.80 5.55
C ALA A 135 1.75 -11.29 6.65
N SER A 136 2.43 -10.36 7.29
CA SER A 136 3.26 -10.77 8.42
C SER A 136 2.38 -11.33 9.53
N PRO A 137 2.96 -12.11 10.44
CA PRO A 137 2.20 -12.56 11.62
C PRO A 137 1.71 -11.40 12.46
N SER A 138 2.48 -10.29 12.52
N SER A 138 2.50 -10.32 12.55
CA SER A 138 2.05 -9.13 13.28
CA SER A 138 2.03 -9.14 13.26
C SER A 138 0.78 -8.52 12.66
C SER A 138 0.74 -8.62 12.63
N THR A 139 0.76 -8.39 11.34
CA THR A 139 -0.44 -7.92 10.66
C THR A 139 -1.61 -8.87 10.87
N ARG A 140 -1.39 -10.17 10.74
CA ARG A 140 -2.47 -11.12 10.91
C ARG A 140 -3.09 -11.04 12.31
N ARG A 141 -2.25 -10.88 13.35
N ARG A 141 -2.23 -10.95 13.33
CA ARG A 141 -2.77 -10.83 14.70
CA ARG A 141 -2.72 -10.82 14.69
C ARG A 141 -3.55 -9.54 14.93
C ARG A 141 -3.57 -9.57 14.85
N LEU A 142 -3.06 -8.44 14.36
CA LEU A 142 -3.75 -7.17 14.54
C LEU A 142 -5.07 -7.16 13.80
N ALA A 143 -5.06 -7.70 12.58
CA ALA A 143 -6.30 -7.78 11.82
C ALA A 143 -7.33 -8.63 12.55
N GLU A 144 -6.91 -9.78 13.07
CA GLU A 144 -7.83 -10.64 13.80
C GLU A 144 -8.39 -9.93 15.03
N ALA A 145 -7.52 -9.26 15.79
CA ALA A 145 -7.94 -8.66 17.03
C ALA A 145 -8.92 -7.54 16.78
N GLU A 146 -8.76 -6.80 15.69
N GLU A 146 -8.77 -6.83 15.69
CA GLU A 146 -9.60 -5.65 15.38
CA GLU A 146 -9.59 -5.68 15.39
C GLU A 146 -10.86 -5.98 14.61
C GLU A 146 -10.82 -5.98 14.56
N GLY A 147 -11.00 -7.21 14.11
CA GLY A 147 -12.15 -7.57 13.32
C GLY A 147 -12.05 -7.24 11.85
N ASN A 148 -10.83 -7.13 11.33
CA ASN A 148 -10.61 -6.93 9.90
C ASN A 148 -10.39 -8.27 9.22
N GLU A 149 -10.44 -8.27 7.89
CA GLU A 149 -10.21 -9.51 7.15
C GLU A 149 -8.76 -9.96 7.30
N ILE A 150 -8.59 -11.28 7.28
CA ILE A 150 -7.31 -11.87 7.71
C ILE A 150 -6.65 -12.61 6.57
N PRO A 151 -5.49 -12.16 6.10
CA PRO A 151 -4.74 -12.92 5.08
C PRO A 151 -4.46 -14.34 5.58
N THR A 152 -4.38 -15.27 4.64
CA THR A 152 -4.24 -16.69 5.00
C THR A 152 -2.85 -17.07 5.49
N HIS A 153 -1.80 -16.56 4.86
CA HIS A 153 -0.46 -17.09 5.02
C HIS A 153 0.42 -16.07 5.73
N SER A 154 1.25 -16.53 6.63
CA SER A 154 2.15 -15.70 7.40
C SER A 154 3.48 -15.55 6.71
N LEU A 155 3.99 -14.33 6.69
CA LEU A 155 5.31 -13.98 6.16
C LEU A 155 6.30 -13.84 7.31
N GLU A 156 7.07 -14.90 7.52
CA GLU A 156 8.11 -14.91 8.54
C GLU A 156 9.33 -14.14 8.02
N GLY A 157 10.28 -13.88 8.90
CA GLY A 157 11.49 -13.22 8.47
C GLY A 157 11.43 -11.72 8.42
N LEU A 158 10.38 -11.12 8.98
CA LEU A 158 10.14 -9.67 8.93
C LEU A 158 9.88 -9.07 10.30
N SER A 159 10.22 -9.77 11.38
CA SER A 159 9.78 -9.30 12.68
C SER A 159 10.71 -8.27 13.28
N SER A 160 11.93 -8.09 12.79
N SER A 160 11.92 -8.08 12.75
CA SER A 160 12.84 -7.08 13.34
CA SER A 160 12.91 -7.14 13.27
C SER A 160 13.08 -5.96 12.35
C SER A 160 13.08 -5.98 12.29
N SER A 161 13.07 -4.71 12.82
N SER A 161 13.20 -4.78 12.83
CA SER A 161 13.29 -3.60 11.88
CA SER A 161 13.40 -3.61 11.97
C SER A 161 14.60 -3.83 11.11
C SER A 161 14.66 -3.80 11.13
N GLY A 162 14.55 -3.50 9.84
CA GLY A 162 15.64 -3.75 8.92
C GLY A 162 15.58 -5.08 8.22
N ASP A 163 14.67 -5.98 8.60
CA ASP A 163 14.53 -7.27 7.96
C ASP A 163 13.97 -7.10 6.55
N ALA A 164 14.40 -7.99 5.68
CA ALA A 164 13.96 -8.03 4.31
C ALA A 164 13.86 -9.46 3.84
N VAL A 165 12.87 -9.73 3.00
CA VAL A 165 12.71 -11.05 2.38
C VAL A 165 12.29 -10.85 0.95
N ARG A 166 12.57 -11.82 0.10
CA ARG A 166 12.10 -11.79 -1.26
C ARG A 166 10.75 -12.49 -1.38
N PHE A 167 9.92 -11.95 -2.27
CA PHE A 167 8.59 -12.49 -2.53
C PHE A 167 8.31 -12.26 -4.01
N GLY A 168 8.51 -13.29 -4.82
CA GLY A 168 8.37 -13.08 -6.25
C GLY A 168 9.26 -11.95 -6.71
N PRO A 169 8.71 -11.04 -7.52
CA PRO A 169 9.49 -9.96 -8.11
C PRO A 169 9.74 -8.78 -7.19
N VAL A 170 9.42 -8.89 -5.91
CA VAL A 170 9.64 -7.79 -4.97
C VAL A 170 10.51 -8.22 -3.80
N GLU A 171 10.99 -7.21 -3.09
CA GLU A 171 11.53 -7.36 -1.76
C GLU A 171 10.57 -6.69 -0.79
N LEU A 172 10.28 -7.39 0.30
CA LEU A 172 9.51 -6.89 1.42
C LEU A 172 10.47 -6.45 2.50
N PHE A 173 10.20 -5.28 3.10
CA PHE A 173 11.10 -4.69 4.10
C PHE A 173 10.28 -4.20 5.26
N TYR A 174 10.70 -4.53 6.48
CA TYR A 174 10.05 -4.03 7.67
C TYR A 174 10.90 -2.90 8.22
N PRO A 175 10.46 -1.64 8.15
CA PRO A 175 11.32 -0.53 8.55
C PRO A 175 11.25 -0.18 10.04
N GLY A 176 10.35 -0.79 10.78
CA GLY A 176 10.01 -0.36 12.13
C GLY A 176 8.67 0.32 12.16
N ALA A 177 8.20 0.60 13.36
CA ALA A 177 6.89 1.21 13.53
C ALA A 177 6.84 2.61 12.95
N ALA A 178 5.71 2.96 12.35
CA ALA A 178 5.54 4.26 11.69
C ALA A 178 4.06 4.58 11.73
N HIS A 179 3.39 4.50 10.58
CA HIS A 179 1.95 4.64 10.52
C HIS A 179 1.27 3.59 11.38
N SER A 180 1.83 2.39 11.42
CA SER A 180 1.37 1.32 12.30
C SER A 180 2.59 0.54 12.73
N THR A 181 2.43 -0.37 13.70
N THR A 181 2.41 -0.33 13.73
CA THR A 181 3.59 -1.09 14.19
CA THR A 181 3.53 -1.09 14.24
C THR A 181 4.01 -2.18 13.23
C THR A 181 3.99 -2.17 13.25
N ASP A 182 3.10 -2.61 12.36
CA ASP A 182 3.31 -3.72 11.46
C ASP A 182 3.64 -3.29 10.03
N ASN A 183 3.67 -1.99 9.72
CA ASN A 183 3.73 -1.59 8.32
C ASN A 183 4.99 -2.11 7.63
N LEU A 184 4.77 -2.65 6.42
CA LEU A 184 5.81 -3.10 5.53
C LEU A 184 5.92 -2.17 4.35
N VAL A 185 7.12 -2.20 3.74
N VAL A 185 7.13 -2.10 3.77
CA VAL A 185 7.47 -1.47 2.53
CA VAL A 185 7.31 -1.45 2.48
C VAL A 185 7.77 -2.53 1.47
C VAL A 185 7.78 -2.49 1.47
N VAL A 186 7.61 -2.16 0.19
CA VAL A 186 7.84 -3.09 -0.91
C VAL A 186 8.70 -2.42 -1.94
N TYR A 187 9.75 -3.10 -2.38
CA TYR A 187 10.66 -2.58 -3.40
C TYR A 187 10.61 -3.50 -4.60
N VAL A 188 10.55 -2.91 -5.79
CA VAL A 188 10.59 -3.65 -7.05
C VAL A 188 11.96 -3.43 -7.65
N PRO A 189 12.93 -4.35 -7.44
CA PRO A 189 14.30 -4.05 -7.88
C PRO A 189 14.45 -3.85 -9.38
N SER A 190 13.65 -4.53 -10.20
CA SER A 190 13.80 -4.41 -11.66
C SER A 190 13.54 -3.00 -12.13
N ALA A 191 12.78 -2.23 -11.36
CA ALA A 191 12.33 -0.91 -11.76
C ALA A 191 12.72 0.18 -10.79
N ASN A 192 13.37 -0.15 -9.69
CA ASN A 192 13.72 0.80 -8.64
C ASN A 192 12.48 1.56 -8.15
N VAL A 193 11.38 0.83 -7.97
CA VAL A 193 10.15 1.39 -7.46
C VAL A 193 10.01 1.04 -5.99
N LEU A 194 9.82 2.06 -5.16
CA LEU A 194 9.63 1.89 -3.74
C LEU A 194 8.16 2.20 -3.42
N TYR A 195 7.44 1.19 -2.98
CA TYR A 195 6.06 1.35 -2.54
C TYR A 195 6.09 1.46 -1.03
N GLY A 196 5.87 2.68 -0.54
CA GLY A 196 6.00 2.92 0.89
C GLY A 196 4.79 2.55 1.68
N GLY A 197 3.65 2.34 1.04
CA GLY A 197 2.45 2.16 1.81
C GLY A 197 2.16 3.36 2.70
N CYS A 198 1.41 3.15 3.77
CA CYS A 198 0.94 4.27 4.55
C CYS A 198 1.99 4.85 5.48
N ALA A 199 3.17 4.22 5.60
CA ALA A 199 4.32 4.83 6.23
C ALA A 199 4.89 6.01 5.46
N VAL A 200 4.48 6.22 4.20
CA VAL A 200 4.99 7.28 3.35
C VAL A 200 3.82 8.12 2.87
N HIS A 201 3.96 9.44 3.01
N HIS A 201 3.93 9.43 3.04
CA HIS A 201 2.94 10.39 2.58
CA HIS A 201 2.93 10.37 2.60
C HIS A 201 3.34 11.13 1.31
C HIS A 201 3.32 11.01 1.27
N GLU A 202 2.32 11.54 0.59
CA GLU A 202 2.53 12.29 -0.63
C GLU A 202 3.06 13.70 -0.29
N LEU A 203 3.66 14.34 -1.29
CA LEU A 203 4.29 15.64 -1.07
C LEU A 203 3.31 16.73 -0.67
N SER A 204 2.06 16.70 -1.14
CA SER A 204 1.07 17.71 -0.76
C SER A 204 0.54 17.55 0.65
N SER A 205 0.86 16.45 1.32
N SER A 205 0.86 16.44 1.33
CA SER A 205 0.36 16.20 2.66
CA SER A 205 0.35 16.19 2.67
C SER A 205 0.74 17.32 3.62
C SER A 205 0.74 17.29 3.64
N THR A 206 -0.22 17.67 4.48
CA THR A 206 -0.07 18.70 5.50
C THR A 206 -0.20 18.12 6.89
N SER A 207 -0.48 16.83 6.98
CA SER A 207 -0.62 16.17 8.26
C SER A 207 -0.15 14.76 8.04
N ALA A 208 0.03 14.08 9.13
CA ALA A 208 0.44 12.68 9.11
C ALA A 208 -0.73 11.73 8.86
N GLY A 209 -1.84 12.18 8.26
CA GLY A 209 -2.91 11.24 7.93
C GLY A 209 -3.65 10.71 9.13
N ASN A 210 -4.06 9.45 9.03
CA ASN A 210 -4.75 8.82 10.14
C ASN A 210 -3.72 8.19 11.04
N VAL A 211 -3.50 8.84 12.18
CA VAL A 211 -2.46 8.46 13.10
C VAL A 211 -2.98 7.61 14.23
N ALA A 212 -4.21 7.09 14.13
CA ALA A 212 -4.79 6.40 15.29
C ALA A 212 -3.89 5.29 15.85
N ASP A 213 -3.20 4.55 14.99
CA ASP A 213 -2.39 3.40 15.40
C ASP A 213 -0.88 3.63 15.20
N ALA A 214 -0.49 4.89 15.03
CA ALA A 214 0.87 5.26 14.65
C ALA A 214 1.78 5.35 15.86
N ASP A 215 3.09 5.33 15.60
CA ASP A 215 4.13 5.65 16.57
C ASP A 215 4.89 6.87 16.02
N LEU A 216 4.45 8.09 16.39
CA LEU A 216 5.05 9.30 15.82
C LEU A 216 6.50 9.47 16.25
N ALA A 217 6.86 8.96 17.44
CA ALA A 217 8.23 9.04 17.92
C ALA A 217 9.19 8.17 17.09
N GLU A 218 8.76 6.96 16.72
CA GLU A 218 9.61 6.04 15.98
C GLU A 218 9.57 6.27 14.48
N TRP A 219 8.49 6.89 13.99
CA TRP A 219 8.28 7.05 12.55
C TRP A 219 9.48 7.64 11.83
N PRO A 220 10.07 8.77 12.27
N PRO A 220 10.08 8.75 12.26
CA PRO A 220 11.24 9.29 11.53
CA PRO A 220 11.24 9.27 11.53
C PRO A 220 12.38 8.31 11.48
C PRO A 220 12.38 8.28 11.47
N THR A 221 12.61 7.53 12.55
CA THR A 221 13.67 6.54 12.56
C THR A 221 13.39 5.45 11.53
N SER A 222 12.13 5.04 11.45
CA SER A 222 11.74 4.05 10.45
C SER A 222 11.90 4.58 9.04
N VAL A 223 11.57 5.85 8.79
CA VAL A 223 11.78 6.42 7.47
C VAL A 223 13.26 6.49 7.15
N GLU A 224 14.08 6.86 8.14
N GLU A 224 14.09 6.85 8.13
CA GLU A 224 15.53 6.89 7.91
CA GLU A 224 15.53 6.89 7.88
C GLU A 224 16.04 5.52 7.48
C GLU A 224 16.04 5.51 7.47
N ARG A 225 15.48 4.45 8.06
CA ARG A 225 15.89 3.11 7.65
C ARG A 225 15.53 2.83 6.20
N ILE A 226 14.34 3.28 5.77
CA ILE A 226 13.97 3.12 4.37
C ILE A 226 14.93 3.88 3.47
N GLN A 227 15.21 5.14 3.81
CA GLN A 227 16.13 5.97 3.04
C GLN A 227 17.49 5.29 2.90
N LYS A 228 18.01 4.72 4.00
CA LYS A 228 19.32 4.08 3.95
C LYS A 228 19.29 2.81 3.11
N HIS A 229 18.19 2.07 3.17
CA HIS A 229 18.14 0.78 2.50
C HIS A 229 17.88 0.90 1.00
N TYR A 230 17.18 1.96 0.55
CA TYR A 230 16.77 2.07 -0.86
C TYR A 230 17.21 3.41 -1.46
N PRO A 231 18.52 3.67 -1.46
CA PRO A 231 19.02 4.95 -1.99
C PRO A 231 18.87 5.11 -3.47
N GLU A 232 18.61 4.03 -4.21
N GLU A 232 18.60 4.05 -4.22
CA GLU A 232 18.47 4.11 -5.66
CA GLU A 232 18.47 4.15 -5.66
C GLU A 232 17.02 4.16 -6.11
C GLU A 232 17.02 4.16 -6.11
N ALA A 233 16.08 4.32 -5.19
CA ALA A 233 14.69 4.37 -5.60
C ALA A 233 14.47 5.54 -6.56
N GLU A 234 13.74 5.27 -7.63
CA GLU A 234 13.40 6.28 -8.61
C GLU A 234 11.97 6.80 -8.51
N VAL A 235 11.05 5.94 -8.14
CA VAL A 235 9.66 6.29 -7.91
C VAL A 235 9.35 5.82 -6.51
N VAL A 236 8.69 6.69 -5.76
CA VAL A 236 8.20 6.39 -4.42
C VAL A 236 6.70 6.57 -4.43
N ILE A 237 5.97 5.55 -4.02
CA ILE A 237 4.51 5.56 -4.03
C ILE A 237 4.00 5.57 -2.59
N PRO A 238 3.17 6.55 -2.22
CA PRO A 238 2.60 6.61 -0.87
C PRO A 238 1.37 5.72 -0.78
N GLY A 239 0.93 5.46 0.45
CA GLY A 239 -0.29 4.69 0.62
C GLY A 239 -1.53 5.39 0.12
N HIS A 240 -1.51 6.73 0.13
CA HIS A 240 -2.61 7.56 -0.34
C HIS A 240 -1.97 8.71 -1.12
N GLY A 241 -2.45 9.00 -2.32
CA GLY A 241 -2.01 10.18 -3.04
C GLY A 241 -0.97 9.91 -4.12
N LEU A 242 -0.33 10.99 -4.54
CA LEU A 242 0.47 10.98 -5.78
C LEU A 242 1.86 10.40 -5.57
N PRO A 243 2.32 9.53 -6.47
CA PRO A 243 3.73 9.16 -6.45
C PRO A 243 4.64 10.33 -6.76
N GLY A 244 5.89 10.18 -6.34
CA GLY A 244 6.95 11.10 -6.70
C GLY A 244 8.29 10.42 -6.61
N GLY A 245 9.32 11.16 -6.20
CA GLY A 245 10.61 10.59 -6.03
C GLY A 245 10.99 10.43 -4.57
N LEU A 246 12.29 10.34 -4.32
CA LEU A 246 12.79 10.11 -2.98
C LEU A 246 12.37 11.19 -1.98
N ASP A 247 12.06 12.41 -2.45
CA ASP A 247 11.68 13.46 -1.53
C ASP A 247 10.46 13.10 -0.70
N LEU A 248 9.62 12.15 -1.16
CA LEU A 248 8.48 11.80 -0.34
C LEU A 248 8.93 11.29 1.02
N LEU A 249 10.10 10.62 1.08
CA LEU A 249 10.53 10.09 2.36
C LEU A 249 10.89 11.22 3.32
N GLN A 250 11.70 12.17 2.87
CA GLN A 250 12.05 13.27 3.76
C GLN A 250 10.83 14.09 4.14
N HIS A 251 9.94 14.35 3.18
CA HIS A 251 8.73 15.08 3.46
C HIS A 251 7.93 14.38 4.54
N THR A 252 7.79 13.06 4.44
CA THR A 252 7.06 12.32 5.46
C THR A 252 7.67 12.53 6.84
N ALA A 253 8.99 12.37 6.94
CA ALA A 253 9.64 12.59 8.22
C ALA A 253 9.36 13.98 8.73
N ASN A 254 9.40 14.97 7.85
CA ASN A 254 9.16 16.35 8.25
C ASN A 254 7.76 16.54 8.80
N VAL A 255 6.74 16.06 8.07
N VAL A 255 6.72 16.04 8.10
CA VAL A 255 5.35 16.24 8.50
CA VAL A 255 5.34 16.27 8.53
C VAL A 255 5.09 15.51 9.82
C VAL A 255 5.00 15.47 9.78
N VAL A 256 5.61 14.30 9.96
CA VAL A 256 5.34 13.55 11.16
C VAL A 256 5.99 14.25 12.35
N LYS A 257 7.21 14.77 12.19
CA LYS A 257 7.86 15.44 13.31
C LYS A 257 7.08 16.68 13.70
N ALA A 258 6.61 17.41 12.71
CA ALA A 258 5.88 18.63 12.99
C ALA A 258 4.52 18.31 13.61
N HIS A 259 3.90 17.20 13.18
CA HIS A 259 2.64 16.77 13.75
C HIS A 259 2.80 16.50 15.23
N LYS A 260 3.77 15.64 15.55
CA LYS A 260 4.15 15.37 16.94
C LYS A 260 4.38 16.66 17.71
N ASN A 261 5.14 17.59 17.13
CA ASN A 261 5.35 18.90 17.73
C ASN A 261 3.99 19.56 18.06
ZN ZN B . -3.49 2.42 8.00
ZN ZN C . -3.57 4.19 4.88
C19 YUU D . -6.97 6.01 6.73
C17 YUU D . -8.50 7.85 6.37
C18 YUU D . -7.19 7.34 6.36
C16 YUU D . -9.54 7.00 6.77
C15 YUU D . -9.30 5.67 7.14
C14 YUU D . -8.01 5.12 7.13
C10 YUU D . -8.73 4.35 12.47
C12 YUU D . -6.35 4.06 9.63
C21 YUU D . -5.01 6.88 6.30
C22 YUU D . -3.49 6.92 6.23
C01 YUU D . -8.73 2.62 7.10
C02 YUU D . -7.70 3.74 7.47
C04 YUU D . -8.71 3.58 9.94
C05 YUU D . -7.99 3.60 11.30
C06 YUU D . -8.07 2.32 11.93
C07 YUU D . -8.42 3.15 13.22
C08 YUU D . -9.57 2.43 14.04
C25 YUU D . -5.91 7.91 6.09
C26 YUU D . -5.64 9.33 5.67
C27 YUU D . -4.75 9.79 4.69
C29 YUU D . -4.12 12.06 3.92
C30 YUU D . -2.74 12.22 4.50
C33 YUU D . -6.26 10.44 6.18
N03 YUU D . -7.55 3.67 9.00
N09 YUU D . -9.70 3.41 15.43
N20 YUU D . -5.63 5.78 6.65
N28 YUU D . -4.88 11.09 4.70
N31 YUU D . -1.53 12.35 3.65
N32 YUU D . -5.76 11.53 5.57
O11 YUU D . -6.62 4.08 11.02
O13 YUU D . -5.30 4.35 9.16
O23 YUU D . -2.89 5.86 5.97
O24 YUU D . -2.96 7.95 6.62
H171 YUU D . -8.71 8.88 6.07
H161 YUU D . -10.48 7.35 6.78
H151 YUU D . -10.18 5.04 7.47
H102 YUU D . -9.86 4.50 12.29
H101 YUU D . -8.19 5.29 12.84
H011 YUU D . -8.82 2.55 5.86
H013 YUU D . -9.82 2.91 7.58
H012 YUU D . -8.34 1.54 7.55
H021 YUU D . -6.84 3.54 6.90
H041 YUU D . -9.46 4.54 9.81
H042 YUU D . -9.33 2.54 9.78
H061 YUU D . -6.99 1.72 11.99
H062 YUU D . -9.02 1.62 11.52
H071 YUU D . -7.52 3.43 13.85
H082 YUU D . -9.26 1.30 14.32
H081 YUU D . -10.59 2.41 13.41
H271 YUU D . -4.06 9.17 4.03
H292 YUU D . -4.04 11.75 2.96
H291 YUU D . -4.60 12.96 3.94
H301 YUU D . -2.58 11.34 5.16
H302 YUU D . -2.78 13.14 5.13
H331 YUU D . -6.97 10.45 6.89
H091 YUU D . -9.26 2.82 16.32
H201 YUU D . -5.20 4.93 6.81
H311 YUU D . -1.12 13.12 4.00
H092 YUU D . -9.15 4.37 15.30
H312 YUU D . -1.85 12.59 2.73
#